data_7JMP
#
_entry.id   7JMP
#
_cell.length_a   68.905
_cell.length_b   80.445
_cell.length_c   72.006
_cell.angle_alpha   90.000
_cell.angle_beta   104.880
_cell.angle_gamma   90.000
#
_symmetry.space_group_name_H-M   'P 1 21 1'
#
loop_
_entity.id
_entity.type
_entity.pdbx_description
1 polymer 'Spike protein S1'
2 polymer 'COVA2-39 heavy chain'
3 polymer 'COVA2-39 light chain'
4 non-polymer 2-acetamido-2-deoxy-beta-D-glucopyranose
5 water water
#
loop_
_entity_poly.entity_id
_entity_poly.type
_entity_poly.pdbx_seq_one_letter_code
_entity_poly.pdbx_strand_id
1 'polypeptide(L)'
;RVQPTESIVRFPNITNLCPFGEVFNATRFASVYAWNRKRISNCVADYSVLYNSASFSTFKCYGVSPTKLNDLCFTNVYAD
SFVIRGDEVRQIAPGQTGKIADYNYKLPDDFTGCVIAWNSNNLDSKVGGNYNYLYRLFRKSNLKPFERDISTEIYQAGST
PCNGVEGFNCYFPLQSYGFQPTNGVGYQPYRVVVLSFELLHAPATVCGPKKSTNLVKNKCVNFSGHHHHHH
;
A
2 'polypeptide(L)'
;QVQLVETGGGLIQPGGSLRLSCAASGFTVSSNYMSWVRQAPGKGLEWVSVIYTGGTTYYADSVKGRFTISRDNSKNTLYL
QMNSLRAEDTAVYYCARAHVDTAMVESGAFDIWGQGTRVTVSSASTKGPSVFPLAPSSKSTSGGTAALGCLVKDYFPEPV
TVSWNSGALTSGVHTFPAVLQSSGLYSLSSVVTVPSSSLGTQTYICNVNHKPSNTKVDKRVEPKSCHHHHHH
;
H
3 'polypeptide(L)'
;QSALTQPASVSGSPGQSITISCTGTSSDVGSYNLVSWYQQHPGKAPKLMIYEVTKRPSGVSNRFSGSKSGNTASLTISGL
QAEDEADYYCCSYAGSSTWVFGGGTKLTVLGQPKAAPSVTLFPPSSEELQANKATLVCLISDFYPGAVTVAWKADSSPVK
AGVETTTPSKQSNNKYAASSYLSLTPEQWKSHRSYSCQVTHEGSTVEKTVAPTECS
;
L
#
loop_
_chem_comp.id
_chem_comp.type
_chem_comp.name
_chem_comp.formula
NAG D-saccharide, beta linking 2-acetamido-2-deoxy-beta-D-glucopyranose 'C8 H15 N O6'
#
# COMPACT_ATOMS: atom_id res chain seq x y z
N PHE A 20 -2.67 -46.82 -31.41
CA PHE A 20 -3.18 -45.95 -30.36
C PHE A 20 -2.21 -45.76 -29.22
N GLY A 21 -1.29 -46.72 -29.03
CA GLY A 21 -0.22 -46.50 -28.07
C GLY A 21 0.56 -45.25 -28.37
N GLU A 22 0.66 -44.89 -29.65
CA GLU A 22 1.23 -43.60 -30.05
C GLU A 22 0.44 -42.44 -29.46
N VAL A 23 -0.87 -42.59 -29.32
CA VAL A 23 -1.74 -41.50 -28.88
C VAL A 23 -1.90 -41.52 -27.36
N PHE A 24 -2.37 -42.65 -26.84
CA PHE A 24 -2.67 -42.70 -25.41
C PHE A 24 -1.40 -42.77 -24.56
N ASN A 25 -0.35 -43.41 -25.06
CA ASN A 25 0.90 -43.54 -24.33
C ASN A 25 1.99 -42.61 -24.87
N ALA A 26 1.61 -41.58 -25.62
CA ALA A 26 2.57 -40.53 -25.96
C ALA A 26 3.19 -40.02 -24.66
N THR A 27 4.50 -39.83 -24.67
CA THR A 27 5.17 -39.40 -23.45
C THR A 27 4.91 -37.93 -23.17
N ARG A 28 4.78 -37.12 -24.22
CA ARG A 28 4.46 -35.71 -24.13
C ARG A 28 3.05 -35.45 -24.64
N PHE A 29 2.30 -34.62 -23.90
CA PHE A 29 0.99 -34.14 -24.33
C PHE A 29 1.03 -32.63 -24.58
N ALA A 30 0.13 -32.18 -25.46
CA ALA A 30 -0.01 -30.77 -25.77
C ALA A 30 -0.72 -29.98 -24.66
N SER A 31 -0.39 -28.69 -24.58
CA SER A 31 -1.28 -27.74 -23.92
C SER A 31 -2.60 -27.65 -24.67
N VAL A 32 -3.67 -27.38 -23.92
CA VAL A 32 -4.99 -27.46 -24.53
C VAL A 32 -5.14 -26.39 -25.62
N TYR A 33 -4.56 -25.20 -25.41
CA TYR A 33 -4.69 -24.18 -26.45
C TYR A 33 -4.03 -24.64 -27.75
N ALA A 34 -3.01 -25.48 -27.65
CA ALA A 34 -2.32 -25.99 -28.83
C ALA A 34 -2.64 -27.45 -29.04
N TRP A 35 -3.91 -27.81 -28.88
CA TRP A 35 -4.28 -29.21 -28.83
C TRP A 35 -3.80 -29.94 -30.08
N ASN A 36 -3.32 -31.16 -29.87
CA ASN A 36 -2.78 -31.97 -30.94
C ASN A 36 -3.87 -32.83 -31.58
N ARG A 37 -3.81 -32.99 -32.90
CA ARG A 37 -4.80 -33.76 -33.65
C ARG A 37 -4.06 -34.77 -34.51
N LYS A 38 -4.43 -36.05 -34.37
CA LYS A 38 -3.84 -37.16 -35.12
C LYS A 38 -4.88 -37.77 -36.04
N ARG A 39 -4.52 -37.89 -37.32
CA ARG A 39 -5.36 -38.56 -38.31
C ARG A 39 -5.19 -40.06 -38.17
N ILE A 40 -6.29 -40.77 -37.95
CA ILE A 40 -6.31 -42.22 -37.94
C ILE A 40 -6.74 -42.67 -39.34
N SER A 41 -5.83 -43.33 -40.05
CA SER A 41 -6.08 -43.76 -41.44
C SER A 41 -5.48 -45.13 -41.76
N SER A 48 -12.76 -52.27 -28.50
CA SER A 48 -13.42 -52.38 -27.20
C SER A 48 -12.39 -52.63 -26.11
N VAL A 49 -11.14 -52.88 -26.53
CA VAL A 49 -10.06 -53.03 -25.57
C VAL A 49 -9.89 -51.75 -24.76
N LEU A 50 -9.86 -50.61 -25.45
CA LEU A 50 -9.87 -49.33 -24.73
C LEU A 50 -11.08 -49.24 -23.82
N TYR A 51 -12.26 -49.55 -24.35
CA TYR A 51 -13.50 -49.47 -23.56
C TYR A 51 -13.49 -50.44 -22.37
N SER A 53 -10.91 -51.11 -20.48
CA SER A 53 -9.75 -50.73 -19.69
C SER A 53 -10.14 -49.97 -18.43
N ALA A 54 -9.55 -50.35 -17.29
CA ALA A 54 -9.77 -49.64 -16.04
C ALA A 54 -8.81 -48.48 -15.83
N SER A 55 -8.08 -48.04 -16.86
CA SER A 55 -7.09 -46.98 -16.70
C SER A 55 -7.68 -45.59 -16.83
N PHE A 56 -8.90 -45.47 -17.36
CA PHE A 56 -9.52 -44.17 -17.64
C PHE A 56 -10.50 -43.81 -16.54
N SER A 57 -10.59 -42.51 -16.21
CA SER A 57 -11.59 -42.06 -15.24
C SER A 57 -12.82 -41.45 -15.90
N THR A 58 -12.71 -41.01 -17.15
CA THR A 58 -13.84 -40.54 -17.95
C THR A 58 -13.83 -41.29 -19.25
N PHE A 59 -15.02 -41.76 -19.68
CA PHE A 59 -15.13 -42.41 -20.98
C PHE A 59 -16.58 -42.22 -21.44
N LYS A 60 -16.86 -41.08 -22.04
CA LYS A 60 -18.23 -40.74 -22.43
C LYS A 60 -18.34 -40.66 -23.95
N CYS A 61 -19.35 -41.35 -24.49
CA CYS A 61 -19.59 -41.33 -25.93
C CYS A 61 -20.88 -40.56 -26.23
N TYR A 62 -20.94 -40.01 -27.44
CA TYR A 62 -22.04 -39.17 -27.88
C TYR A 62 -22.43 -39.62 -29.28
N GLY A 63 -23.73 -39.77 -29.52
CA GLY A 63 -24.22 -40.21 -30.81
C GLY A 63 -24.00 -41.68 -31.12
N VAL A 64 -22.75 -42.14 -31.13
CA VAL A 64 -22.43 -43.49 -31.60
C VAL A 64 -21.83 -44.33 -30.48
N SER A 65 -22.65 -44.71 -29.49
CA SER A 65 -22.27 -45.55 -28.35
C SER A 65 -21.53 -46.81 -28.78
N PRO A 66 -20.69 -47.42 -27.92
CA PRO A 66 -19.91 -48.59 -28.33
C PRO A 66 -20.79 -49.83 -28.57
N PHE A 74 -14.19 -47.06 -40.43
CA PHE A 74 -14.74 -45.71 -40.56
C PHE A 74 -14.12 -44.95 -41.70
N THR A 75 -14.82 -43.89 -42.15
CA THR A 75 -14.27 -43.00 -43.17
C THR A 75 -12.95 -42.40 -42.70
N ASN A 76 -12.99 -41.62 -41.61
CA ASN A 76 -11.81 -41.14 -40.92
C ASN A 76 -12.06 -41.09 -39.41
N VAL A 77 -11.01 -41.35 -38.62
CA VAL A 77 -11.02 -41.13 -37.18
C VAL A 77 -9.95 -40.10 -36.83
N TYR A 78 -10.28 -39.17 -35.96
CA TYR A 78 -9.31 -38.18 -35.50
C TYR A 78 -9.19 -38.30 -33.99
N ALA A 79 -7.96 -38.31 -33.51
CA ALA A 79 -7.65 -38.33 -32.08
C ALA A 79 -7.03 -36.99 -31.71
N ASP A 80 -7.78 -36.17 -30.95
CA ASP A 80 -7.29 -34.92 -30.41
C ASP A 80 -6.91 -35.15 -28.95
N SER A 81 -5.76 -34.62 -28.53
CA SER A 81 -5.26 -34.84 -27.16
C SER A 81 -4.60 -33.60 -26.58
N PHE A 82 -4.70 -33.45 -25.24
CA PHE A 82 -4.21 -32.28 -24.53
C PHE A 82 -4.30 -32.57 -23.02
N VAL A 83 -3.91 -31.58 -22.23
CA VAL A 83 -3.97 -31.65 -20.77
C VAL A 83 -4.79 -30.47 -20.27
N ILE A 84 -5.72 -30.74 -19.34
CA ILE A 84 -6.49 -29.71 -18.64
C ILE A 84 -6.56 -30.11 -17.17
N ARG A 85 -7.19 -29.26 -16.35
CA ARG A 85 -7.47 -29.60 -14.96
C ARG A 85 -8.56 -30.66 -14.83
N GLY A 86 -8.48 -31.46 -13.77
CA GLY A 86 -9.54 -32.43 -13.48
C GLY A 86 -10.94 -31.85 -13.54
N ASP A 87 -11.15 -30.67 -12.96
CA ASP A 87 -12.50 -30.12 -12.93
C ASP A 87 -12.92 -29.46 -14.25
N GLU A 88 -12.06 -29.47 -15.26
CA GLU A 88 -12.41 -28.97 -16.57
C GLU A 88 -12.79 -30.06 -17.54
N VAL A 89 -12.55 -31.33 -17.18
CA VAL A 89 -12.90 -32.42 -18.07
C VAL A 89 -14.39 -32.37 -18.43
N ARG A 90 -15.23 -31.89 -17.48
CA ARG A 90 -16.66 -31.72 -17.77
C ARG A 90 -16.89 -30.80 -18.98
N GLN A 91 -15.95 -29.89 -19.29
CA GLN A 91 -16.12 -28.99 -20.43
C GLN A 91 -15.84 -29.63 -21.78
N ILE A 92 -15.27 -30.83 -21.82
CA ILE A 92 -14.96 -31.46 -23.10
C ILE A 92 -16.18 -32.31 -23.46
N ALA A 93 -17.26 -31.64 -23.85
CA ALA A 93 -18.54 -32.28 -24.14
C ALA A 93 -19.42 -31.32 -24.94
N PRO A 94 -20.34 -31.83 -25.77
CA PRO A 94 -21.20 -30.93 -26.55
C PRO A 94 -22.01 -29.99 -25.66
N GLY A 95 -22.16 -28.74 -26.13
CA GLY A 95 -23.00 -27.79 -25.43
C GLY A 95 -22.44 -27.24 -24.14
N GLN A 96 -21.15 -27.32 -23.93
CA GLN A 96 -20.55 -26.83 -22.69
C GLN A 96 -20.01 -25.42 -22.86
N THR A 97 -19.88 -24.74 -21.73
CA THR A 97 -19.36 -23.38 -21.65
C THR A 97 -18.25 -23.32 -20.60
N GLY A 98 -17.45 -22.26 -20.67
CA GLY A 98 -16.30 -22.10 -19.80
C GLY A 98 -15.04 -21.82 -20.59
N LYS A 99 -13.98 -21.45 -19.86
CA LYS A 99 -12.80 -20.98 -20.57
C LYS A 99 -12.19 -22.05 -21.46
N ILE A 100 -12.34 -23.34 -21.10
CA ILE A 100 -11.79 -24.36 -21.98
C ILE A 100 -12.67 -24.51 -23.23
N ALA A 101 -13.99 -24.69 -23.03
CA ALA A 101 -14.88 -24.89 -24.16
C ALA A 101 -14.97 -23.65 -25.04
N ASP A 102 -14.93 -22.45 -24.45
CA ASP A 102 -15.11 -21.22 -25.21
C ASP A 102 -13.84 -20.78 -25.93
N TYR A 103 -12.70 -20.88 -25.26
CA TYR A 103 -11.47 -20.31 -25.79
C TYR A 103 -10.38 -21.29 -26.17
N ASN A 104 -10.55 -22.59 -25.90
CA ASN A 104 -9.46 -23.53 -26.09
C ASN A 104 -9.80 -24.74 -26.94
N TYR A 105 -10.87 -25.47 -26.60
CA TYR A 105 -11.24 -26.63 -27.41
C TYR A 105 -12.75 -26.78 -27.41
N LYS A 106 -13.37 -26.77 -28.59
CA LYS A 106 -14.82 -26.74 -28.67
C LYS A 106 -15.33 -27.92 -29.47
N LEU A 107 -16.29 -28.66 -28.89
CA LEU A 107 -17.01 -29.70 -29.66
C LEU A 107 -18.35 -29.19 -30.18
N PRO A 108 -18.76 -29.62 -31.38
CA PRO A 108 -20.07 -29.21 -31.92
C PRO A 108 -21.24 -29.93 -31.23
N ASP A 109 -22.40 -29.28 -31.30
CA ASP A 109 -23.65 -29.89 -30.79
C ASP A 109 -23.80 -31.32 -31.29
N ASP A 110 -23.60 -31.53 -32.59
CA ASP A 110 -23.83 -32.80 -33.25
C ASP A 110 -22.70 -33.78 -33.10
N PHE A 111 -21.81 -33.57 -32.11
CA PHE A 111 -20.64 -34.41 -31.98
C PHE A 111 -21.03 -35.88 -31.95
N THR A 112 -20.39 -36.68 -32.79
CA THR A 112 -20.41 -38.12 -32.63
C THR A 112 -18.97 -38.57 -32.46
N GLY A 113 -18.68 -39.13 -31.29
CA GLY A 113 -17.34 -39.52 -30.92
C GLY A 113 -17.29 -39.72 -29.42
N CYS A 114 -16.11 -40.04 -28.92
CA CYS A 114 -15.95 -40.27 -27.48
C CYS A 114 -14.86 -39.40 -26.86
N VAL A 115 -15.03 -39.16 -25.56
CA VAL A 115 -14.15 -38.30 -24.78
C VAL A 115 -13.60 -39.15 -23.66
N ILE A 116 -12.28 -39.31 -23.63
CA ILE A 116 -11.59 -40.20 -22.71
C ILE A 116 -10.57 -39.39 -21.93
N ALA A 117 -10.56 -39.56 -20.60
CA ALA A 117 -9.65 -38.78 -19.77
C ALA A 117 -9.07 -39.66 -18.67
N TRP A 118 -7.87 -39.31 -18.19
CA TRP A 118 -7.30 -39.99 -17.03
C TRP A 118 -6.40 -39.04 -16.27
N ASN A 119 -6.31 -39.26 -14.96
CA ASN A 119 -5.45 -38.45 -14.10
C ASN A 119 -3.98 -38.68 -14.42
N SER A 120 -3.24 -37.58 -14.60
CA SER A 120 -1.83 -37.68 -15.00
C SER A 120 -0.93 -36.95 -14.00
N ASN A 121 -1.38 -36.91 -12.74
CA ASN A 121 -0.66 -36.19 -11.68
C ASN A 121 0.76 -36.73 -11.52
N ASN A 122 0.94 -38.05 -11.69
CA ASN A 122 2.26 -38.63 -11.54
C ASN A 122 3.22 -38.19 -12.64
N LEU A 123 2.71 -37.86 -13.83
CA LEU A 123 3.50 -37.45 -14.99
C LEU A 123 3.61 -35.93 -15.15
N ASP A 124 2.52 -35.21 -14.95
CA ASP A 124 2.45 -33.81 -15.34
C ASP A 124 2.52 -32.84 -14.20
N SER A 125 2.65 -33.31 -12.96
CA SER A 125 2.99 -32.47 -11.82
C SER A 125 4.45 -32.68 -11.47
N LYS A 126 5.07 -31.64 -10.94
CA LYS A 126 6.44 -31.72 -10.48
C LYS A 126 6.51 -31.03 -9.13
N VAL A 127 7.47 -31.44 -8.30
CA VAL A 127 7.63 -30.70 -7.06
C VAL A 127 8.13 -29.30 -7.43
N GLY A 128 7.54 -28.30 -6.78
CA GLY A 128 7.68 -26.91 -7.16
C GLY A 128 6.62 -26.44 -8.13
N GLY A 129 6.07 -27.34 -8.93
CA GLY A 129 5.01 -27.00 -9.85
C GLY A 129 5.46 -27.16 -11.28
N ASN A 130 4.59 -27.72 -12.10
CA ASN A 130 4.79 -27.69 -13.54
C ASN A 130 4.02 -26.51 -14.09
N TYR A 131 4.74 -25.54 -14.67
CA TYR A 131 4.15 -24.36 -15.29
C TYR A 131 4.22 -24.43 -16.82
N ASN A 132 4.55 -25.59 -17.38
CA ASN A 132 4.69 -25.71 -18.84
C ASN A 132 3.37 -25.87 -19.57
N TYR A 133 2.32 -26.34 -18.90
CA TYR A 133 1.01 -26.45 -19.51
C TYR A 133 0.26 -25.12 -19.39
N LEU A 134 -0.33 -24.67 -20.49
CA LEU A 134 -0.98 -23.37 -20.58
C LEU A 134 -2.39 -23.52 -21.13
N TYR A 135 -3.24 -22.55 -20.83
CA TYR A 135 -4.55 -22.45 -21.46
C TYR A 135 -4.77 -21.00 -21.89
N ARG A 136 -5.62 -20.80 -22.90
CA ARG A 136 -6.00 -19.44 -23.29
C ARG A 136 -7.06 -18.88 -22.38
N LEU A 137 -6.77 -17.69 -21.82
CA LEU A 137 -7.66 -17.02 -20.87
C LEU A 137 -8.50 -15.92 -21.51
N PHE A 138 -8.09 -15.38 -22.66
CA PHE A 138 -8.74 -14.23 -23.28
C PHE A 138 -8.84 -14.48 -24.77
N ARG A 139 -9.97 -14.08 -25.35
CA ARG A 139 -10.17 -14.20 -26.78
C ARG A 139 -11.31 -13.26 -27.18
N LYS A 140 -11.21 -12.70 -28.39
CA LYS A 140 -12.25 -11.78 -28.84
C LYS A 140 -13.55 -12.49 -29.16
N SER A 141 -13.52 -13.79 -29.43
CA SER A 141 -14.74 -14.52 -29.68
C SER A 141 -14.54 -15.96 -29.28
N ASN A 142 -15.65 -16.69 -29.11
CA ASN A 142 -15.58 -18.11 -28.82
C ASN A 142 -15.09 -18.90 -30.02
N LEU A 143 -14.35 -19.97 -29.75
CA LEU A 143 -13.95 -20.85 -30.84
C LEU A 143 -15.17 -21.47 -31.50
N LYS A 144 -15.06 -21.72 -32.78
CA LYS A 144 -15.98 -22.62 -33.47
C LYS A 144 -15.52 -24.05 -33.24
N PRO A 145 -16.41 -25.03 -33.43
CA PRO A 145 -16.02 -26.43 -33.20
C PRO A 145 -14.76 -26.81 -33.97
N PHE A 146 -13.84 -27.45 -33.27
CA PHE A 146 -12.60 -28.01 -33.80
C PHE A 146 -11.64 -26.93 -34.28
N GLU A 147 -11.90 -25.65 -33.96
CA GLU A 147 -10.98 -24.56 -34.23
C GLU A 147 -9.83 -24.59 -33.22
N ARG A 148 -8.64 -24.23 -33.69
CA ARG A 148 -7.46 -24.16 -32.83
C ARG A 148 -6.86 -22.76 -32.94
N ASP A 149 -6.60 -22.14 -31.81
CA ASP A 149 -6.02 -20.79 -31.77
C ASP A 149 -4.69 -20.87 -31.01
N ILE A 150 -3.58 -20.60 -31.70
CA ILE A 150 -2.27 -20.63 -31.05
C ILE A 150 -1.62 -19.24 -31.04
N SER A 151 -2.41 -18.19 -31.21
CA SER A 151 -1.90 -16.82 -31.15
C SER A 151 -1.31 -16.45 -29.78
N THR A 152 -0.25 -15.65 -29.80
CA THR A 152 0.29 -15.02 -28.60
C THR A 152 0.12 -13.50 -28.62
N GLU A 153 -0.79 -12.99 -29.44
CA GLU A 153 -1.03 -11.56 -29.52
C GLU A 153 -1.57 -11.01 -28.20
N ILE A 154 -1.06 -9.84 -27.78
CA ILE A 154 -1.54 -9.23 -26.54
C ILE A 154 -3.02 -8.90 -26.66
N TYR A 155 -3.80 -9.26 -25.64
CA TYR A 155 -5.24 -9.08 -25.67
C TYR A 155 -5.60 -7.71 -25.12
N GLN A 156 -6.32 -6.92 -25.92
CA GLN A 156 -6.70 -5.55 -25.55
C GLN A 156 -8.02 -5.65 -24.81
N ALA A 157 -7.98 -5.49 -23.50
CA ALA A 157 -9.19 -5.57 -22.71
C ALA A 157 -9.83 -4.21 -22.47
N GLY A 158 -9.12 -3.14 -22.75
CA GLY A 158 -9.55 -1.79 -22.45
C GLY A 158 -9.53 -0.93 -23.70
N SER A 159 -9.57 0.40 -23.53
CA SER A 159 -9.72 1.31 -24.66
C SER A 159 -8.41 1.61 -25.37
N THR A 160 -7.26 1.43 -24.67
CA THR A 160 -5.96 1.82 -25.19
C THR A 160 -5.32 0.66 -25.94
N PRO A 161 -4.83 0.88 -27.16
CA PRO A 161 -4.17 -0.19 -27.90
C PRO A 161 -2.93 -0.66 -27.15
N CYS A 162 -2.64 -1.93 -27.31
CA CYS A 162 -1.51 -2.52 -26.59
C CYS A 162 -0.20 -2.38 -27.33
N ASN A 163 -0.24 -2.32 -28.66
CA ASN A 163 0.97 -2.19 -29.49
C ASN A 163 2.03 -3.23 -29.12
N GLY A 164 1.56 -4.45 -28.85
CA GLY A 164 2.43 -5.58 -28.64
C GLY A 164 3.04 -5.74 -27.25
N VAL A 165 2.63 -4.93 -26.30
CA VAL A 165 3.20 -4.93 -24.96
C VAL A 165 2.22 -5.23 -23.84
N GLU A 166 2.61 -6.12 -22.96
CA GLU A 166 1.82 -6.51 -21.83
C GLU A 166 1.83 -5.40 -20.76
N GLY A 167 0.68 -5.14 -20.20
CA GLY A 167 0.52 -4.13 -19.21
C GLY A 167 -0.93 -3.93 -18.81
N PHE A 168 -1.23 -2.83 -18.17
CA PHE A 168 -2.61 -2.64 -17.69
C PHE A 168 -3.64 -2.85 -18.81
N ASN A 169 -4.58 -3.78 -18.56
CA ASN A 169 -5.65 -4.11 -19.51
C ASN A 169 -5.11 -4.56 -20.86
N CYS A 170 -3.88 -5.09 -20.90
CA CYS A 170 -3.19 -5.53 -22.14
C CYS A 170 -2.51 -6.86 -21.80
N TYR A 171 -3.20 -7.99 -22.00
CA TYR A 171 -2.82 -9.21 -21.30
C TYR A 171 -2.17 -10.21 -22.24
N PHE A 172 -1.11 -10.84 -21.78
CA PHE A 172 -0.63 -11.99 -22.53
C PHE A 172 -1.75 -13.03 -22.47
N PRO A 173 -2.17 -13.61 -23.60
CA PRO A 173 -3.47 -14.31 -23.61
C PRO A 173 -3.44 -15.71 -23.03
N LEU A 174 -2.26 -16.25 -22.74
CA LEU A 174 -2.13 -17.60 -22.23
C LEU A 174 -1.69 -17.50 -20.78
N GLN A 175 -2.15 -18.46 -19.97
CA GLN A 175 -1.86 -18.50 -18.54
C GLN A 175 -1.41 -19.91 -18.20
N SER A 176 -0.39 -20.03 -17.37
CA SER A 176 0.06 -21.36 -16.96
C SER A 176 -0.90 -21.96 -15.93
N TYR A 177 -1.04 -23.28 -16.00
CA TYR A 177 -1.72 -24.04 -14.95
C TYR A 177 -0.95 -24.08 -13.64
N GLY A 178 0.33 -24.43 -13.67
CA GLY A 178 0.92 -24.63 -12.34
C GLY A 178 0.43 -25.83 -11.56
N PHE A 179 0.70 -27.02 -12.07
CA PHE A 179 0.25 -28.28 -11.48
C PHE A 179 1.24 -28.72 -10.40
N GLN A 180 0.80 -28.72 -9.12
CA GLN A 180 1.59 -29.21 -8.01
C GLN A 180 1.07 -30.54 -7.49
N PRO A 181 1.96 -31.46 -7.11
CA PRO A 181 1.52 -32.81 -6.68
C PRO A 181 0.49 -32.81 -5.56
N THR A 182 0.52 -31.84 -4.65
CA THR A 182 -0.38 -31.78 -3.50
C THR A 182 -1.71 -31.07 -3.79
N ASN A 183 -1.93 -30.60 -5.02
CA ASN A 183 -3.21 -30.01 -5.39
C ASN A 183 -4.34 -31.02 -5.16
N GLY A 184 -5.52 -30.51 -4.80
CA GLY A 184 -6.72 -31.34 -4.84
C GLY A 184 -6.97 -31.93 -6.23
N VAL A 185 -7.82 -32.97 -6.27
CA VAL A 185 -8.00 -33.75 -7.49
C VAL A 185 -8.56 -32.89 -8.62
N GLY A 186 -9.46 -31.96 -8.30
CA GLY A 186 -9.99 -31.07 -9.34
C GLY A 186 -8.94 -30.17 -9.96
N TYR A 187 -7.85 -29.90 -9.26
CA TYR A 187 -6.77 -29.07 -9.75
C TYR A 187 -5.59 -29.88 -10.31
N GLN A 188 -5.70 -31.18 -10.35
CA GLN A 188 -4.62 -31.99 -10.87
C GLN A 188 -4.68 -32.07 -12.39
N PRO A 189 -3.56 -32.37 -13.06
CA PRO A 189 -3.63 -32.49 -14.52
C PRO A 189 -4.30 -33.78 -14.95
N TYR A 190 -5.12 -33.67 -15.98
CA TYR A 190 -5.74 -34.81 -16.64
C TYR A 190 -5.37 -34.78 -18.12
N ARG A 191 -4.93 -35.92 -18.63
CA ARG A 191 -4.77 -36.11 -20.06
C ARG A 191 -6.08 -36.53 -20.69
N VAL A 192 -6.40 -35.93 -21.84
CA VAL A 192 -7.68 -36.10 -22.51
C VAL A 192 -7.42 -36.52 -23.95
N VAL A 193 -8.15 -37.52 -24.42
CA VAL A 193 -8.19 -37.89 -25.84
C VAL A 193 -9.63 -37.82 -26.31
N VAL A 194 -9.85 -37.13 -27.42
CA VAL A 194 -11.18 -36.94 -27.99
C VAL A 194 -11.14 -37.65 -29.34
N LEU A 195 -12.01 -38.63 -29.53
CA LEU A 195 -12.07 -39.40 -30.78
C LEU A 195 -13.29 -38.94 -31.57
N SER A 196 -13.07 -38.58 -32.83
CA SER A 196 -14.13 -38.07 -33.69
C SER A 196 -14.29 -39.01 -34.88
N PHE A 197 -15.53 -39.27 -35.27
CA PHE A 197 -15.87 -40.25 -36.30
C PHE A 197 -16.51 -39.54 -37.48
N GLU A 198 -15.77 -39.38 -38.57
CA GLU A 198 -16.25 -38.67 -39.75
C GLU A 198 -16.53 -39.63 -40.90
N VAL B 2 -7.77 -15.79 2.13
CA VAL B 2 -7.12 -14.93 1.12
C VAL B 2 -6.36 -13.81 1.81
N GLN B 3 -5.04 -13.85 1.72
CA GLN B 3 -4.28 -12.84 2.42
C GLN B 3 -2.88 -12.73 1.84
N LEU B 4 -2.20 -11.66 2.24
CA LEU B 4 -0.83 -11.32 1.86
C LEU B 4 -0.08 -10.99 3.12
N VAL B 5 1.11 -11.57 3.29
CA VAL B 5 1.93 -11.37 4.50
C VAL B 5 3.34 -10.92 4.10
N GLU B 6 3.67 -9.65 4.36
CA GLU B 6 4.98 -9.07 4.06
C GLU B 6 5.97 -9.34 5.17
N THR B 7 7.23 -9.57 4.79
CA THR B 7 8.34 -9.62 5.74
C THR B 7 9.57 -8.97 5.12
N GLY B 8 10.57 -8.75 5.97
CA GLY B 8 11.86 -8.28 5.52
C GLY B 8 12.20 -6.88 5.92
N GLY B 9 11.26 -6.11 6.47
CA GLY B 9 11.57 -4.74 6.83
C GLY B 9 12.51 -4.66 8.03
N GLY B 10 13.11 -3.49 8.20
CA GLY B 10 14.02 -3.27 9.32
C GLY B 10 14.81 -2.00 9.08
N LEU B 11 15.85 -1.80 9.93
CA LEU B 11 16.74 -0.67 9.80
C LEU B 11 17.91 -1.02 8.88
N ILE B 12 18.23 -0.12 7.98
CA ILE B 12 19.31 -0.34 7.02
C ILE B 12 20.00 0.98 6.80
N GLN B 13 21.33 0.94 6.64
CA GLN B 13 22.05 2.19 6.45
C GLN B 13 21.80 2.77 5.06
N PRO B 14 21.90 4.09 4.90
CA PRO B 14 21.81 4.70 3.56
C PRO B 14 22.86 4.12 2.61
N GLY B 15 22.41 3.89 1.37
CA GLY B 15 23.21 3.20 0.39
C GLY B 15 23.03 1.69 0.41
N GLY B 16 22.42 1.14 1.45
CA GLY B 16 22.35 -0.29 1.57
C GLY B 16 21.23 -0.86 0.71
N SER B 17 21.14 -2.19 0.75
N SER B 17 21.14 -2.19 0.74
CA SER B 17 20.13 -2.94 0.00
CA SER B 17 20.14 -2.93 -0.01
C SER B 17 19.35 -3.83 0.93
C SER B 17 19.33 -3.78 0.96
N LEU B 18 18.10 -4.09 0.55
CA LEU B 18 17.21 -4.94 1.34
C LEU B 18 16.20 -5.61 0.40
N ARG B 19 15.83 -6.85 0.68
CA ARG B 19 14.80 -7.57 -0.10
C ARG B 19 13.57 -7.83 0.75
N LEU B 20 12.42 -7.30 0.33
CA LEU B 20 11.15 -7.60 0.98
C LEU B 20 10.49 -8.79 0.31
N SER B 21 9.65 -9.49 1.10
CA SER B 21 8.93 -10.67 0.65
C SER B 21 7.47 -10.48 0.97
N CYS B 22 6.61 -11.10 0.17
CA CYS B 22 5.15 -11.02 0.35
C CYS B 22 4.57 -12.39 -0.01
N ALA B 23 4.17 -13.17 1.01
CA ALA B 23 3.64 -14.50 0.77
C ALA B 23 2.12 -14.44 0.62
N ALA B 24 1.62 -15.03 -0.47
CA ALA B 24 0.19 -15.05 -0.74
C ALA B 24 -0.41 -16.35 -0.23
N SER B 25 -1.65 -16.25 0.25
CA SER B 25 -2.49 -17.40 0.58
C SER B 25 -3.85 -17.23 -0.04
N GLY B 26 -4.38 -18.31 -0.59
CA GLY B 26 -5.73 -18.33 -1.12
C GLY B 26 -5.87 -17.93 -2.56
N PHE B 27 -4.78 -17.49 -3.21
CA PHE B 27 -4.74 -17.23 -4.64
C PHE B 27 -3.28 -17.34 -5.06
N THR B 28 -3.02 -17.36 -6.36
CA THR B 28 -1.66 -17.52 -6.86
C THR B 28 -1.16 -16.22 -7.45
N VAL B 29 0.02 -15.78 -7.00
CA VAL B 29 0.62 -14.60 -7.58
C VAL B 29 0.96 -14.85 -9.04
N SER B 30 1.09 -16.12 -9.46
CA SER B 30 1.46 -16.39 -10.85
C SER B 30 0.35 -16.05 -11.82
N SER B 31 -0.89 -15.88 -11.33
CA SER B 31 -2.05 -15.63 -12.18
C SER B 31 -2.71 -14.29 -11.89
N ASN B 32 -2.08 -13.44 -11.07
CA ASN B 32 -2.63 -12.15 -10.65
C ASN B 32 -1.64 -11.05 -10.96
N TYR B 33 -2.11 -9.78 -10.89
CA TYR B 33 -1.27 -8.64 -11.27
C TYR B 33 -0.91 -7.97 -9.97
N MET B 34 0.37 -8.02 -9.59
CA MET B 34 0.75 -7.71 -8.20
C MET B 34 1.57 -6.44 -8.13
N SER B 35 1.33 -5.61 -7.09
CA SER B 35 2.04 -4.33 -6.95
C SER B 35 2.67 -4.21 -5.57
N TRP B 36 3.62 -3.29 -5.47
CA TRP B 36 4.05 -2.75 -4.18
C TRP B 36 3.65 -1.27 -4.11
N VAL B 37 3.22 -0.85 -2.92
CA VAL B 37 2.78 0.51 -2.65
C VAL B 37 3.39 0.89 -1.31
N ARG B 38 3.95 2.09 -1.19
CA ARG B 38 4.59 2.39 0.09
C ARG B 38 3.99 3.64 0.74
N GLN B 39 4.28 3.83 2.04
CA GLN B 39 3.66 4.95 2.77
C GLN B 39 4.66 5.47 3.82
N ALA B 40 5.15 6.68 3.61
CA ALA B 40 6.15 7.23 4.52
C ALA B 40 5.43 7.59 5.81
N PRO B 41 6.12 7.54 6.95
CA PRO B 41 5.45 7.79 8.24
C PRO B 41 4.73 9.14 8.26
N GLY B 42 3.44 9.11 8.57
CA GLY B 42 2.66 10.35 8.53
C GLY B 42 2.29 10.83 7.16
N LYS B 43 2.63 10.11 6.10
CA LYS B 43 2.43 10.63 4.75
C LYS B 43 1.46 9.74 3.97
N GLY B 44 1.35 10.04 2.66
CA GLY B 44 0.37 9.39 1.82
C GLY B 44 0.91 8.13 1.13
N LEU B 45 0.00 7.42 0.46
CA LEU B 45 0.35 6.21 -0.28
C LEU B 45 1.10 6.58 -1.55
N GLU B 46 2.05 5.73 -1.95
CA GLU B 46 2.77 5.94 -3.20
C GLU B 46 2.92 4.62 -3.93
N TRP B 47 2.39 4.50 -5.15
CA TRP B 47 2.57 3.26 -5.91
C TRP B 47 4.04 3.17 -6.38
N VAL B 48 4.63 1.97 -6.24
CA VAL B 48 6.06 1.73 -6.48
C VAL B 48 6.28 0.87 -7.73
N SER B 49 5.53 -0.23 -7.85
CA SER B 49 5.88 -1.13 -8.98
C SER B 49 4.78 -2.17 -9.17
N VAL B 50 4.75 -2.77 -10.38
CA VAL B 50 3.76 -3.78 -10.71
C VAL B 50 4.41 -4.84 -11.60
N ILE B 51 3.88 -6.07 -11.51
CA ILE B 51 4.37 -7.18 -12.35
C ILE B 51 3.16 -7.91 -12.93
N TYR B 52 3.21 -8.14 -14.25
CA TYR B 52 2.16 -8.82 -14.99
C TYR B 52 2.48 -10.32 -15.15
N THR B 53 1.48 -11.09 -15.60
CA THR B 53 1.62 -12.56 -15.50
C THR B 53 2.73 -13.09 -16.40
N GLY B 54 3.02 -12.41 -17.51
CA GLY B 54 4.11 -12.81 -18.38
C GLY B 54 5.47 -12.31 -17.95
N GLY B 55 5.52 -11.51 -16.88
CA GLY B 55 6.78 -11.02 -16.32
C GLY B 55 7.06 -9.54 -16.55
N THR B 56 6.25 -8.85 -17.35
CA THR B 56 6.54 -7.46 -17.69
C THR B 56 6.35 -6.61 -16.44
N THR B 57 7.29 -5.69 -16.22
CA THR B 57 7.29 -4.90 -14.97
C THR B 57 7.24 -3.42 -15.29
N TYR B 58 6.64 -2.65 -14.36
CA TYR B 58 6.67 -1.20 -14.46
C TYR B 58 6.99 -0.62 -13.09
N TYR B 59 7.56 0.60 -13.08
CA TYR B 59 8.10 1.20 -11.85
C TYR B 59 7.81 2.69 -11.79
N ALA B 60 7.57 3.20 -10.57
CA ALA B 60 7.56 4.65 -10.39
C ALA B 60 8.94 5.23 -10.71
N ASP B 61 8.97 6.46 -11.24
CA ASP B 61 10.27 7.09 -11.53
C ASP B 61 11.13 7.24 -10.27
N SER B 62 10.51 7.43 -9.11
CA SER B 62 11.27 7.56 -7.85
C SER B 62 12.10 6.33 -7.50
N VAL B 63 11.86 5.18 -8.15
CA VAL B 63 12.58 3.98 -7.74
C VAL B 63 13.19 3.26 -8.93
N LYS B 64 12.93 3.75 -10.14
CA LYS B 64 13.40 3.07 -11.34
C LYS B 64 14.93 2.96 -11.33
N GLY B 65 15.45 1.78 -11.68
CA GLY B 65 16.87 1.53 -11.66
C GLY B 65 17.45 1.11 -10.31
N ARG B 66 16.71 1.34 -9.21
CA ARG B 66 17.14 0.90 -7.89
C ARG B 66 16.35 -0.29 -7.35
N PHE B 67 15.06 -0.39 -7.67
CA PHE B 67 14.19 -1.45 -7.15
C PHE B 67 13.82 -2.41 -8.27
N THR B 68 13.58 -3.65 -7.89
CA THR B 68 13.19 -4.72 -8.82
C THR B 68 12.07 -5.53 -8.21
N ILE B 69 10.96 -5.68 -8.94
CA ILE B 69 9.87 -6.53 -8.48
C ILE B 69 10.00 -7.89 -9.15
N SER B 70 9.76 -8.96 -8.41
CA SER B 70 9.88 -10.29 -8.98
C SER B 70 8.95 -11.24 -8.24
N ARG B 71 8.76 -12.46 -8.77
CA ARG B 71 8.02 -13.44 -7.98
C ARG B 71 8.64 -14.83 -8.14
N ASP B 72 8.39 -15.65 -7.14
CA ASP B 72 8.71 -17.09 -7.16
C ASP B 72 7.37 -17.82 -7.17
N ASN B 73 6.99 -18.33 -8.35
CA ASN B 73 5.68 -18.98 -8.45
C ASN B 73 5.58 -20.15 -7.47
N SER B 74 6.66 -20.92 -7.32
CA SER B 74 6.59 -22.15 -6.55
C SER B 74 6.42 -21.87 -5.06
N LYS B 75 7.04 -20.80 -4.55
CA LYS B 75 6.80 -20.34 -3.19
C LYS B 75 5.59 -19.43 -3.08
N ASN B 76 4.92 -19.14 -4.20
CA ASN B 76 3.76 -18.27 -4.21
C ASN B 76 4.07 -16.96 -3.50
N THR B 77 5.22 -16.38 -3.85
CA THR B 77 5.73 -15.22 -3.12
C THR B 77 6.16 -14.14 -4.10
N LEU B 78 5.90 -12.89 -3.73
CA LEU B 78 6.34 -11.71 -4.45
C LEU B 78 7.51 -11.08 -3.71
N TYR B 79 8.45 -10.48 -4.45
CA TYR B 79 9.57 -9.83 -3.81
C TYR B 79 9.71 -8.40 -4.31
N LEU B 80 10.38 -7.59 -3.47
CA LEU B 80 10.88 -6.29 -3.91
C LEU B 80 12.33 -6.18 -3.47
N GLN B 81 13.25 -6.19 -4.44
CA GLN B 81 14.67 -5.96 -4.18
C GLN B 81 14.95 -4.46 -4.24
N MET B 82 15.43 -3.87 -3.13
CA MET B 82 15.66 -2.43 -3.04
C MET B 82 17.17 -2.19 -2.90
N ASN B 83 17.76 -1.50 -3.88
CA ASN B 83 19.19 -1.20 -3.82
C ASN B 83 19.39 0.30 -3.63
N SER B 84 20.58 0.69 -3.15
CA SER B 84 20.95 2.10 -3.02
C SER B 84 19.87 2.90 -2.30
N LEU B 85 19.45 2.37 -1.16
CA LEU B 85 18.36 2.96 -0.39
C LEU B 85 18.77 4.32 0.14
N ARG B 86 17.80 5.23 0.19
CA ARG B 86 18.01 6.59 0.67
C ARG B 86 17.02 6.87 1.78
N ALA B 87 17.30 7.94 2.53
CA ALA B 87 16.40 8.36 3.60
C ALA B 87 14.94 8.44 3.11
N GLU B 88 14.72 9.02 1.93
CA GLU B 88 13.38 9.18 1.35
C GLU B 88 12.65 7.86 1.11
N ASP B 89 13.35 6.73 1.16
CA ASP B 89 12.73 5.42 0.95
C ASP B 89 12.17 4.84 2.25
N THR B 90 12.39 5.53 3.36
CA THR B 90 11.80 5.10 4.62
C THR B 90 10.28 5.12 4.53
N ALA B 91 9.66 4.00 4.85
CA ALA B 91 8.21 3.85 4.62
C ALA B 91 7.75 2.48 5.10
N VAL B 92 6.42 2.34 5.28
CA VAL B 92 5.80 1.02 5.34
C VAL B 92 5.59 0.56 3.91
N TYR B 93 5.94 -0.67 3.59
CA TYR B 93 5.80 -1.21 2.25
C TYR B 93 4.72 -2.26 2.27
N TYR B 94 3.73 -2.11 1.38
CA TYR B 94 2.60 -3.01 1.25
C TYR B 94 2.71 -3.74 -0.08
N CYS B 95 2.40 -5.02 -0.09
CA CYS B 95 2.12 -5.66 -1.37
C CYS B 95 0.60 -5.65 -1.55
N ALA B 96 0.15 -5.57 -2.81
CA ALA B 96 -1.27 -5.43 -3.09
C ALA B 96 -1.62 -6.20 -4.35
N ARG B 97 -2.78 -6.82 -4.33
CA ARG B 97 -3.34 -7.50 -5.50
C ARG B 97 -4.23 -6.57 -6.31
N ALA B 98 -4.08 -6.57 -7.64
CA ALA B 98 -5.02 -5.81 -8.46
C ALA B 98 -6.44 -6.40 -8.34
N HIS B 99 -7.41 -5.50 -8.19
CA HIS B 99 -8.82 -5.89 -8.22
C HIS B 99 -9.23 -6.24 -9.66
N VAL B 100 -9.78 -7.44 -9.84
CA VAL B 100 -10.19 -7.92 -11.16
C VAL B 100 -11.62 -8.42 -11.11
N ASP B 101 -12.25 -8.48 -12.28
CA ASP B 101 -13.54 -9.15 -12.40
C ASP B 101 -13.33 -10.67 -12.55
N THR B 102 -14.42 -11.41 -12.74
CA THR B 102 -14.28 -12.85 -12.81
C THR B 102 -13.50 -13.29 -14.05
N ALA B 103 -13.38 -12.42 -15.05
CA ALA B 103 -12.64 -12.72 -16.27
C ALA B 103 -11.16 -12.38 -16.16
N MET B 104 -10.69 -11.93 -14.99
CA MET B 104 -9.32 -11.50 -14.75
C MET B 104 -8.96 -10.18 -15.45
N VAL B 105 -9.94 -9.31 -15.72
CA VAL B 105 -9.64 -7.99 -16.25
C VAL B 105 -9.54 -7.01 -15.08
N GLU B 106 -8.45 -6.23 -15.04
CA GLU B 106 -8.28 -5.27 -13.94
C GLU B 106 -9.31 -4.14 -13.99
N SER B 107 -9.78 -3.74 -12.80
CA SER B 107 -10.63 -2.56 -12.64
C SER B 107 -9.83 -1.28 -12.44
N GLY B 108 -8.53 -1.40 -12.16
CA GLY B 108 -7.68 -0.26 -11.88
C GLY B 108 -7.47 -0.02 -10.41
N ALA B 109 -8.12 -0.80 -9.55
CA ALA B 109 -8.06 -0.67 -8.10
C ALA B 109 -7.28 -1.84 -7.47
N PHE B 110 -7.04 -1.74 -6.15
CA PHE B 110 -6.27 -2.75 -5.41
C PHE B 110 -7.15 -3.32 -4.31
N ASP B 111 -7.47 -4.62 -4.38
CA ASP B 111 -8.44 -5.13 -3.41
C ASP B 111 -7.81 -5.81 -2.20
N ILE B 112 -6.74 -6.58 -2.34
CA ILE B 112 -6.16 -7.31 -1.22
C ILE B 112 -4.82 -6.67 -0.89
N TRP B 113 -4.62 -6.30 0.37
CA TRP B 113 -3.40 -5.64 0.82
C TRP B 113 -2.79 -6.42 1.97
N GLY B 114 -1.45 -6.46 2.00
CA GLY B 114 -0.73 -7.03 3.12
C GLY B 114 -0.83 -6.13 4.36
N GLN B 115 -0.26 -6.60 5.47
CA GLN B 115 -0.27 -5.81 6.69
C GLN B 115 0.79 -4.71 6.66
N GLY B 116 1.77 -4.80 5.76
CA GLY B 116 2.84 -3.83 5.65
C GLY B 116 4.07 -4.25 6.41
N THR B 117 5.22 -3.84 5.92
CA THR B 117 6.47 -4.04 6.58
C THR B 117 7.24 -2.72 6.58
N ARG B 118 7.74 -2.32 7.72
CA ARG B 118 8.45 -1.09 7.86
C ARG B 118 9.92 -1.16 7.49
N VAL B 119 10.36 -0.23 6.67
CA VAL B 119 11.74 -0.10 6.30
C VAL B 119 12.21 1.26 6.76
N THR B 120 13.27 1.33 7.53
CA THR B 120 13.83 2.60 8.01
C THR B 120 15.26 2.69 7.50
N VAL B 121 15.55 3.73 6.73
CA VAL B 121 16.87 3.93 6.14
C VAL B 121 17.56 4.98 7.00
N SER B 122 18.55 4.56 7.76
CA SER B 122 19.12 5.49 8.71
C SER B 122 20.44 4.95 9.21
N SER B 123 21.35 5.87 9.50
CA SER B 123 22.64 5.51 10.09
C SER B 123 22.65 5.74 11.60
N ALA B 124 21.49 5.96 12.21
CA ALA B 124 21.41 6.14 13.65
C ALA B 124 21.88 4.89 14.37
N SER B 125 22.54 5.11 15.51
CA SER B 125 22.87 4.05 16.44
C SER B 125 22.68 4.59 17.85
N THR B 126 22.75 3.69 18.82
CA THR B 126 22.39 4.03 20.19
C THR B 126 23.13 5.27 20.62
N LYS B 127 22.39 6.21 21.20
CA LYS B 127 22.93 7.49 21.61
C LYS B 127 21.99 8.06 22.67
N GLY B 128 22.57 8.51 23.79
CA GLY B 128 21.78 9.18 24.78
C GLY B 128 21.56 10.65 24.45
N PRO B 129 20.53 11.22 25.08
CA PRO B 129 20.10 12.59 24.75
C PRO B 129 21.00 13.64 25.36
N SER B 130 20.99 14.81 24.72
CA SER B 130 21.46 16.06 25.33
C SER B 130 20.23 16.83 25.78
N VAL B 131 20.25 17.39 26.98
CA VAL B 131 19.03 17.98 27.53
C VAL B 131 19.31 19.45 27.81
N PHE B 132 18.37 20.32 27.39
CA PHE B 132 18.55 21.75 27.55
C PHE B 132 17.32 22.33 28.22
N PRO B 133 17.48 23.37 29.02
CA PRO B 133 16.31 23.93 29.70
C PRO B 133 15.61 24.89 28.78
N LEU B 134 14.29 24.92 28.89
CA LEU B 134 13.41 25.83 28.15
C LEU B 134 12.90 26.79 29.24
N ALA B 135 13.59 27.92 29.40
CA ALA B 135 13.31 28.81 30.55
C ALA B 135 11.95 29.47 30.39
N PRO B 136 11.23 29.70 31.48
CA PRO B 136 9.99 30.48 31.39
C PRO B 136 10.34 31.94 31.09
N SER B 137 9.47 32.62 30.36
CA SER B 137 9.69 34.05 30.14
C SER B 137 8.39 34.82 30.24
N GLY B 143 -1.91 35.26 32.45
CA GLY B 143 -2.97 34.66 33.26
C GLY B 143 -2.47 34.07 34.57
N GLY B 144 -1.31 34.55 35.03
CA GLY B 144 -0.69 34.02 36.21
C GLY B 144 -0.01 32.69 36.04
N THR B 145 0.14 32.17 34.82
CA THR B 145 0.83 30.91 34.65
C THR B 145 2.03 31.10 33.74
N ALA B 146 3.03 30.25 33.93
CA ALA B 146 4.23 30.27 33.11
C ALA B 146 4.48 28.86 32.62
N ALA B 147 4.97 28.76 31.40
CA ALA B 147 5.33 27.47 30.82
C ALA B 147 6.85 27.36 30.76
N LEU B 148 7.38 26.27 31.30
CA LEU B 148 8.81 26.02 31.26
C LEU B 148 9.01 24.57 30.85
N GLY B 149 10.20 24.21 30.41
CA GLY B 149 10.31 22.81 29.98
C GLY B 149 11.74 22.35 29.83
N CYS B 150 11.87 21.19 29.18
CA CYS B 150 13.17 20.57 28.89
C CYS B 150 13.12 20.08 27.45
N LEU B 151 14.15 20.43 26.69
CA LEU B 151 14.35 19.93 25.32
C LEU B 151 15.27 18.74 25.40
N VAL B 152 14.83 17.59 24.85
CA VAL B 152 15.54 16.32 24.98
C VAL B 152 15.97 15.97 23.57
N LYS B 153 17.23 16.18 23.25
CA LYS B 153 17.68 16.25 21.85
C LYS B 153 18.58 15.08 21.45
N ASP B 154 18.30 14.53 20.25
CA ASP B 154 19.23 13.69 19.48
C ASP B 154 19.56 12.36 20.19
N TYR B 155 18.53 11.59 20.47
CA TYR B 155 18.74 10.29 21.10
C TYR B 155 18.21 9.19 20.18
N PHE B 156 18.64 7.95 20.48
CA PHE B 156 18.21 6.79 19.71
C PHE B 156 18.53 5.52 20.48
N PRO B 157 17.66 4.51 20.46
CA PRO B 157 16.30 4.52 19.91
C PRO B 157 15.30 5.08 20.93
N GLU B 158 14.01 5.06 20.62
CA GLU B 158 12.97 5.27 21.61
C GLU B 158 13.06 4.15 22.66
N PRO B 159 12.57 4.38 23.88
CA PRO B 159 11.90 5.60 24.32
C PRO B 159 12.75 6.38 25.35
N VAL B 160 12.39 7.62 25.65
CA VAL B 160 12.88 8.27 26.88
C VAL B 160 11.68 8.38 27.80
N THR B 161 11.94 8.49 29.11
CA THR B 161 10.91 8.87 30.05
C THR B 161 11.31 10.20 30.69
N VAL B 162 10.34 11.05 30.94
CA VAL B 162 10.62 12.32 31.56
C VAL B 162 9.74 12.45 32.79
N SER B 163 10.36 12.81 33.91
CA SER B 163 9.56 13.17 35.05
C SER B 163 10.01 14.56 35.49
N TRP B 164 9.30 15.12 36.46
CA TRP B 164 9.64 16.44 36.99
C TRP B 164 9.73 16.36 38.50
N ASN B 165 10.76 16.99 39.06
CA ASN B 165 11.05 16.91 40.51
C ASN B 165 10.92 15.49 41.04
N SER B 166 11.52 14.57 40.29
CA SER B 166 11.61 13.14 40.64
C SER B 166 10.24 12.50 40.83
N GLY B 167 9.25 12.96 40.07
CA GLY B 167 7.90 12.46 40.11
C GLY B 167 6.97 13.14 41.09
N ALA B 168 7.48 14.07 41.91
CA ALA B 168 6.62 14.88 42.77
C ALA B 168 5.72 15.83 41.99
N LEU B 169 6.15 16.25 40.80
CA LEU B 169 5.44 17.29 40.05
C LEU B 169 4.72 16.59 38.90
N THR B 170 3.38 16.44 39.01
CA THR B 170 2.59 15.85 37.93
C THR B 170 1.51 16.75 37.34
N SER B 171 0.93 17.65 38.12
CA SER B 171 -0.05 18.58 37.60
C SER B 171 0.62 19.51 36.59
N GLY B 172 -0.08 19.75 35.49
CA GLY B 172 0.43 20.66 34.48
C GLY B 172 1.56 20.15 33.59
N VAL B 173 1.88 18.86 33.61
CA VAL B 173 2.97 18.30 32.79
C VAL B 173 2.40 17.85 31.44
N HIS B 174 3.09 18.20 30.36
CA HIS B 174 2.72 17.70 29.03
C HIS B 174 4.02 17.31 28.33
N THR B 175 4.25 16.00 28.23
CA THR B 175 5.42 15.53 27.52
C THR B 175 4.98 15.20 26.10
N PHE B 176 5.61 15.85 25.14
CA PHE B 176 5.14 15.72 23.76
C PHE B 176 5.75 14.49 23.09
N PRO B 177 5.04 13.87 22.12
CA PRO B 177 5.68 12.80 21.33
C PRO B 177 6.90 13.32 20.62
N ALA B 178 7.89 12.44 20.47
CA ALA B 178 9.14 12.79 19.81
C ALA B 178 8.96 12.99 18.29
N VAL B 179 9.80 13.81 17.74
CA VAL B 179 10.02 13.90 16.31
C VAL B 179 11.15 12.97 15.91
N LEU B 180 10.97 12.27 14.79
CA LEU B 180 12.05 11.47 14.21
C LEU B 180 12.67 12.33 13.13
N GLN B 181 13.92 12.73 13.32
CA GLN B 181 14.50 13.67 12.39
C GLN B 181 15.06 12.90 11.17
N SER B 182 15.46 13.66 10.15
CA SER B 182 15.98 13.01 8.95
C SER B 182 17.29 12.28 9.25
N SER B 183 18.02 12.71 10.30
CA SER B 183 19.20 12.01 10.79
C SER B 183 18.89 10.62 11.33
N GLY B 184 17.63 10.31 11.58
CA GLY B 184 17.26 9.07 12.23
C GLY B 184 17.28 9.14 13.75
N LEU B 185 17.70 10.27 14.33
CA LEU B 185 17.63 10.49 15.77
C LEU B 185 16.32 11.15 16.16
N TYR B 186 15.95 11.00 17.43
CA TYR B 186 14.74 11.53 18.01
C TYR B 186 15.04 12.73 18.90
N SER B 187 14.07 13.63 18.97
CA SER B 187 14.06 14.69 19.98
C SER B 187 12.64 14.85 20.49
N LEU B 188 12.49 15.28 21.74
CA LEU B 188 11.16 15.60 22.20
C LEU B 188 11.27 16.75 23.19
N SER B 189 10.13 17.28 23.59
CA SER B 189 10.11 18.31 24.64
C SER B 189 9.10 17.95 25.69
N SER B 190 9.35 18.40 26.92
CA SER B 190 8.37 18.21 28.00
C SER B 190 8.18 19.58 28.63
N VAL B 191 6.95 20.02 28.82
CA VAL B 191 6.66 21.35 29.36
C VAL B 191 5.78 21.21 30.59
N VAL B 192 6.00 22.07 31.58
CA VAL B 192 5.08 22.12 32.71
C VAL B 192 4.56 23.54 32.81
N THR B 193 3.26 23.67 33.07
CA THR B 193 2.66 24.97 33.30
C THR B 193 2.56 25.13 34.81
N VAL B 194 3.12 26.21 35.35
CA VAL B 194 3.23 26.36 36.80
C VAL B 194 2.77 27.76 37.17
N PRO B 195 2.43 28.00 38.44
CA PRO B 195 2.05 29.36 38.84
C PRO B 195 3.22 30.32 38.67
N SER B 196 2.96 31.47 38.04
CA SER B 196 3.99 32.52 37.92
C SER B 196 4.52 32.93 39.29
N SER B 197 3.69 32.82 40.32
CA SER B 197 4.10 33.19 41.68
C SER B 197 5.14 32.25 42.26
N SER B 198 5.35 31.09 41.66
CA SER B 198 6.34 30.15 42.18
C SER B 198 7.75 30.35 41.61
N LEU B 199 7.92 31.19 40.59
CA LEU B 199 9.17 31.15 39.82
C LEU B 199 10.37 31.62 40.64
N GLY B 200 10.20 32.68 41.43
CA GLY B 200 11.37 33.14 42.17
C GLY B 200 11.89 32.19 43.24
N THR B 201 11.10 31.20 43.66
CA THR B 201 11.46 30.46 44.87
C THR B 201 11.26 28.96 44.83
N GLN B 202 10.56 28.39 43.85
CA GLN B 202 10.39 26.96 43.79
C GLN B 202 11.31 26.38 42.71
N THR B 203 11.84 25.19 42.96
CA THR B 203 12.80 24.60 42.03
C THR B 203 12.08 23.62 41.10
N TYR B 204 12.42 23.70 39.81
CA TYR B 204 11.89 22.79 38.79
C TYR B 204 13.07 22.10 38.14
N ILE B 205 13.09 20.76 38.23
CA ILE B 205 14.15 19.94 37.61
C ILE B 205 13.49 18.87 36.74
N CYS B 206 13.95 18.73 35.52
CA CYS B 206 13.43 17.63 34.71
C CYS B 206 14.40 16.46 34.77
N ASN B 207 13.84 15.24 34.91
CA ASN B 207 14.61 14.00 35.05
C ASN B 207 14.34 13.17 33.82
N VAL B 208 15.36 12.97 33.00
CA VAL B 208 15.25 12.32 31.72
C VAL B 208 15.96 10.98 31.85
N ASN B 209 15.30 9.92 31.45
CA ASN B 209 15.89 8.58 31.54
C ASN B 209 15.88 7.96 30.15
N HIS B 210 17.04 7.47 29.69
CA HIS B 210 17.14 6.85 28.36
C HIS B 210 17.81 5.51 28.60
N LYS B 211 17.00 4.50 28.86
CA LYS B 211 17.59 3.21 29.26
C LYS B 211 18.46 2.57 28.17
N PRO B 212 18.14 2.69 26.87
CA PRO B 212 19.00 2.02 25.86
C PRO B 212 20.47 2.46 25.91
N SER B 213 20.77 3.70 26.30
CA SER B 213 22.16 4.14 26.44
C SER B 213 22.60 4.21 27.90
N ASN B 214 21.75 3.75 28.82
CA ASN B 214 22.04 3.78 30.24
C ASN B 214 22.42 5.19 30.67
N THR B 215 21.61 6.14 30.22
CA THR B 215 21.85 7.54 30.52
C THR B 215 20.69 8.10 31.32
N LYS B 216 21.00 8.93 32.31
CA LYS B 216 19.98 9.71 33.03
C LYS B 216 20.48 11.13 33.18
N VAL B 217 19.59 12.11 32.98
CA VAL B 217 19.97 13.51 33.07
C VAL B 217 18.99 14.23 33.96
N ASP B 218 19.49 15.05 34.90
CA ASP B 218 18.67 16.01 35.64
C ASP B 218 19.08 17.40 35.18
N LYS B 219 18.10 18.23 34.82
CA LYS B 219 18.37 19.59 34.38
C LYS B 219 17.48 20.54 35.16
N ARG B 220 18.10 21.45 35.91
CA ARG B 220 17.33 22.49 36.58
C ARG B 220 16.93 23.57 35.57
N VAL B 221 15.68 23.99 35.64
CA VAL B 221 15.12 24.96 34.70
C VAL B 221 14.82 26.23 35.48
N GLU B 222 15.57 27.29 35.18
CA GLU B 222 15.50 28.53 35.94
C GLU B 222 15.01 29.69 35.08
N PRO B 223 14.35 30.70 35.68
CA PRO B 223 14.04 31.92 34.92
C PRO B 223 15.34 32.53 34.46
N LYS B 224 15.32 33.17 33.28
CA LYS B 224 16.58 33.65 32.68
C LYS B 224 17.04 35.01 33.24
N ALA C 3 1.16 13.73 -7.91
CA ALA C 3 0.33 13.35 -6.76
C ALA C 3 -1.01 14.08 -6.83
N LEU C 4 -2.11 13.35 -6.66
CA LEU C 4 -3.43 13.95 -6.69
C LEU C 4 -3.59 14.81 -5.45
N THR C 5 -4.41 15.86 -5.54
CA THR C 5 -4.52 16.84 -4.45
C THR C 5 -5.84 16.66 -3.71
N GLN C 6 -5.75 16.40 -2.42
CA GLN C 6 -6.86 16.19 -1.52
C GLN C 6 -6.79 17.23 -0.42
N PRO C 7 -7.91 17.68 0.14
CA PRO C 7 -7.84 18.50 1.36
C PRO C 7 -7.19 17.71 2.48
N ALA C 8 -6.39 18.39 3.31
CA ALA C 8 -5.73 17.67 4.41
C ALA C 8 -6.73 17.15 5.43
N SER C 9 -7.81 17.89 5.71
CA SER C 9 -8.75 17.64 6.78
C SER C 9 -10.17 17.91 6.27
N VAL C 10 -11.10 17.03 6.63
CA VAL C 10 -12.53 17.26 6.43
CA VAL C 10 -12.52 17.29 6.45
C VAL C 10 -13.20 16.75 7.69
N SER C 11 -14.26 17.41 8.09
CA SER C 11 -14.94 16.95 9.29
C SER C 11 -16.44 17.20 9.19
N GLY C 12 -17.20 16.41 9.93
CA GLY C 12 -18.63 16.64 9.98
C GLY C 12 -19.17 15.96 11.22
N SER C 13 -20.41 16.30 11.54
CA SER C 13 -21.07 15.76 12.73
C SER C 13 -21.72 14.44 12.41
N PRO C 14 -21.92 13.60 13.41
CA PRO C 14 -22.65 12.34 13.18
C PRO C 14 -23.98 12.59 12.48
N GLY C 15 -24.28 11.77 11.48
CA GLY C 15 -25.50 11.89 10.72
C GLY C 15 -25.43 12.81 9.52
N GLN C 16 -24.42 13.69 9.45
CA GLN C 16 -24.30 14.60 8.31
C GLN C 16 -23.66 13.88 7.13
N SER C 17 -23.71 14.51 5.95
CA SER C 17 -22.92 14.10 4.80
C SER C 17 -21.71 14.98 4.64
N ILE C 18 -20.63 14.41 4.12
CA ILE C 18 -19.45 15.18 3.79
C ILE C 18 -18.93 14.68 2.45
N THR C 19 -18.12 15.53 1.78
CA THR C 19 -17.50 15.18 0.51
CA THR C 19 -17.50 15.18 0.51
C THR C 19 -16.00 15.48 0.57
N ILE C 20 -15.21 14.57 0.01
CA ILE C 20 -13.76 14.69 -0.07
C ILE C 20 -13.41 14.81 -1.54
N SER C 21 -12.71 15.87 -1.91
CA SER C 21 -12.35 16.03 -3.32
C SER C 21 -10.94 15.53 -3.58
N CYS C 22 -10.67 15.29 -4.87
CA CYS C 22 -9.42 14.68 -5.29
C CYS C 22 -9.11 15.28 -6.66
N THR C 23 -8.20 16.25 -6.72
CA THR C 23 -7.95 16.97 -7.96
C THR C 23 -6.68 16.46 -8.60
N GLY C 24 -6.81 15.93 -9.81
CA GLY C 24 -5.67 15.43 -10.55
C GLY C 24 -5.48 16.29 -11.79
N THR C 25 -5.10 15.68 -12.89
CA THR C 25 -4.75 16.37 -14.14
C THR C 25 -5.39 15.64 -15.31
N SER C 26 -5.24 16.22 -16.50
CA SER C 26 -5.85 15.63 -17.68
C SER C 26 -5.31 14.25 -18.01
N SER C 27 -4.12 13.89 -17.55
CA SER C 27 -3.55 12.59 -17.88
C SER C 27 -3.81 11.54 -16.82
N ASP C 28 -4.60 11.84 -15.80
CA ASP C 28 -4.97 10.79 -14.86
C ASP C 28 -6.46 10.83 -14.59
N VAL C 29 -6.92 11.61 -13.60
CA VAL C 29 -8.37 11.68 -13.37
C VAL C 29 -9.11 12.11 -14.63
N GLY C 30 -8.50 13.03 -15.39
CA GLY C 30 -9.18 13.54 -16.58
C GLY C 30 -9.31 12.52 -17.69
N SER C 31 -8.47 11.49 -17.70
CA SER C 31 -8.33 10.66 -18.89
C SER C 31 -9.05 9.34 -18.80
N TYR C 32 -9.33 8.84 -17.61
CA TYR C 32 -9.87 7.50 -17.43
C TYR C 32 -11.04 7.52 -16.46
N ASN C 33 -11.83 6.47 -16.50
CA ASN C 33 -12.81 6.20 -15.45
C ASN C 33 -12.29 5.11 -14.50
N LEU C 34 -11.12 5.41 -13.96
CA LEU C 34 -10.31 4.47 -13.18
C LEU C 34 -9.88 5.09 -11.87
N VAL C 35 -10.82 5.72 -11.17
CA VAL C 35 -10.55 6.31 -9.86
C VAL C 35 -11.03 5.32 -8.81
N SER C 36 -10.19 5.10 -7.81
CA SER C 36 -10.58 4.28 -6.68
C SER C 36 -10.35 5.05 -5.39
N TRP C 37 -11.05 4.65 -4.36
CA TRP C 37 -10.92 5.28 -3.04
C TRP C 37 -10.67 4.21 -2.00
N TYR C 38 -9.85 4.58 -1.01
CA TYR C 38 -9.43 3.69 0.08
C TYR C 38 -9.64 4.37 1.43
N GLN C 39 -10.05 3.54 2.39
CA GLN C 39 -10.20 3.88 3.79
C GLN C 39 -9.06 3.29 4.59
N GLN C 40 -8.44 4.08 5.45
CA GLN C 40 -7.31 3.55 6.21
C GLN C 40 -7.43 3.96 7.67
N HIS C 41 -7.64 2.94 8.55
CA HIS C 41 -7.66 3.19 9.99
C HIS C 41 -6.23 3.11 10.55
N PRO C 42 -5.97 3.70 11.72
CA PRO C 42 -4.58 3.74 12.21
C PRO C 42 -3.94 2.37 12.34
N GLY C 43 -2.73 2.24 11.81
CA GLY C 43 -1.94 1.01 11.81
C GLY C 43 -2.40 -0.08 10.88
N LYS C 44 -3.44 0.15 10.09
CA LYS C 44 -4.04 -0.89 9.26
C LYS C 44 -3.75 -0.57 7.80
N ALA C 45 -3.90 -1.60 6.98
CA ALA C 45 -3.74 -1.40 5.56
C ALA C 45 -4.98 -0.69 5.00
N PRO C 46 -4.80 -0.02 3.86
CA PRO C 46 -5.94 0.59 3.16
C PRO C 46 -6.97 -0.45 2.77
N LYS C 47 -8.23 -0.04 2.78
CA LYS C 47 -9.34 -0.89 2.38
C LYS C 47 -10.04 -0.27 1.18
N LEU C 48 -10.27 -1.07 0.13
CA LEU C 48 -10.95 -0.57 -1.07
C LEU C 48 -12.43 -0.28 -0.81
N MET C 49 -12.85 0.94 -1.10
CA MET C 49 -14.21 1.41 -0.88
C MET C 49 -14.95 1.70 -2.18
N ILE C 50 -14.24 2.23 -3.17
CA ILE C 50 -14.86 2.60 -4.44
C ILE C 50 -13.89 2.24 -5.55
N TYR C 51 -14.39 1.65 -6.65
CA TYR C 51 -13.52 1.48 -7.82
C TYR C 51 -14.27 1.95 -9.06
N GLU C 52 -13.51 2.22 -10.13
CA GLU C 52 -14.12 2.70 -11.37
C GLU C 52 -15.06 3.87 -11.11
N VAL C 53 -14.56 4.83 -10.32
CA VAL C 53 -15.18 6.14 -10.04
C VAL C 53 -16.39 5.98 -9.13
N THR C 54 -17.29 5.05 -9.43
CA THR C 54 -18.59 4.98 -8.76
C THR C 54 -18.97 3.62 -8.13
N LYS C 55 -18.22 2.56 -8.35
CA LYS C 55 -18.69 1.22 -8.00
C LYS C 55 -18.20 0.81 -6.63
N ARG C 56 -19.03 0.07 -5.91
N ARG C 56 -19.04 0.06 -5.89
CA ARG C 56 -18.70 -0.39 -4.56
CA ARG C 56 -18.70 -0.38 -4.55
C ARG C 56 -18.42 -1.88 -4.56
C ARG C 56 -18.43 -1.88 -4.54
N PRO C 57 -17.33 -2.33 -3.95
CA PRO C 57 -17.15 -3.76 -3.73
C PRO C 57 -18.27 -4.29 -2.85
N SER C 58 -18.54 -5.59 -2.99
CA SER C 58 -19.53 -6.23 -2.12
C SER C 58 -19.10 -6.08 -0.67
N GLY C 59 -20.06 -5.78 0.19
CA GLY C 59 -19.76 -5.56 1.59
C GLY C 59 -19.58 -4.11 1.99
N VAL C 60 -19.31 -3.21 1.04
CA VAL C 60 -19.09 -1.82 1.38
C VAL C 60 -20.43 -1.09 1.45
N SER C 61 -20.63 -0.32 2.52
CA SER C 61 -21.90 0.34 2.76
C SER C 61 -22.28 1.30 1.66
N ASN C 62 -23.59 1.35 1.33
CA ASN C 62 -24.08 2.31 0.35
C ASN C 62 -24.08 3.76 0.84
N ARG C 63 -23.61 4.04 2.07
CA ARG C 63 -23.38 5.42 2.49
C ARG C 63 -22.19 6.03 1.75
N PHE C 64 -21.34 5.21 1.13
CA PHE C 64 -20.15 5.69 0.41
C PHE C 64 -20.48 5.74 -1.08
N SER C 65 -20.21 6.88 -1.73
CA SER C 65 -20.46 6.98 -3.16
C SER C 65 -19.39 7.86 -3.81
N GLY C 66 -19.14 7.63 -5.09
CA GLY C 66 -18.07 8.35 -5.77
C GLY C 66 -18.58 8.99 -7.04
N SER C 67 -17.89 10.07 -7.45
CA SER C 67 -18.26 10.74 -8.71
C SER C 67 -17.01 11.40 -9.26
N LYS C 68 -17.14 11.98 -10.45
CA LYS C 68 -16.04 12.64 -11.12
C LYS C 68 -16.61 13.76 -11.97
N SER C 69 -15.88 14.87 -12.07
CA SER C 69 -16.24 15.94 -12.99
C SER C 69 -14.95 16.62 -13.43
N GLY C 70 -14.68 16.60 -14.73
CA GLY C 70 -13.44 17.15 -15.19
C GLY C 70 -12.27 16.41 -14.58
N ASN C 71 -11.34 17.15 -13.99
CA ASN C 71 -10.15 16.55 -13.41
C ASN C 71 -10.30 16.29 -11.90
N THR C 72 -11.52 16.36 -11.38
CA THR C 72 -11.70 16.24 -9.94
C THR C 72 -12.66 15.10 -9.64
N ALA C 73 -12.21 14.15 -8.81
CA ALA C 73 -13.07 13.07 -8.34
C ALA C 73 -13.54 13.42 -6.94
N SER C 74 -14.66 12.85 -6.52
CA SER C 74 -15.15 13.16 -5.17
C SER C 74 -15.67 11.89 -4.50
N LEU C 75 -15.43 11.78 -3.21
CA LEU C 75 -16.04 10.74 -2.39
C LEU C 75 -17.05 11.41 -1.47
N THR C 76 -18.28 10.93 -1.46
CA THR C 76 -19.29 11.45 -0.55
C THR C 76 -19.63 10.34 0.43
N ILE C 77 -19.72 10.72 1.70
CA ILE C 77 -20.11 9.82 2.76
C ILE C 77 -21.34 10.42 3.43
N SER C 78 -22.47 9.72 3.34
CA SER C 78 -23.71 10.18 3.96
C SER C 78 -23.88 9.51 5.31
N GLY C 79 -24.72 10.13 6.16
CA GLY C 79 -25.07 9.51 7.44
C GLY C 79 -23.84 9.16 8.25
N LEU C 80 -22.95 10.14 8.41
CA LEU C 80 -21.66 9.89 9.05
C LEU C 80 -21.82 9.17 10.38
N GLN C 81 -20.99 8.15 10.58
CA GLN C 81 -20.95 7.36 11.79
C GLN C 81 -19.54 7.42 12.36
N ALA C 82 -19.43 7.26 13.69
CA ALA C 82 -18.13 7.35 14.36
C ALA C 82 -17.08 6.49 13.67
N GLU C 83 -17.45 5.27 13.26
CA GLU C 83 -16.46 4.35 12.67
C GLU C 83 -15.91 4.84 11.32
N ASP C 84 -16.56 5.81 10.67
CA ASP C 84 -16.03 6.37 9.42
C ASP C 84 -14.77 7.21 9.64
N GLU C 85 -14.51 7.69 10.86
CA GLU C 85 -13.30 8.49 11.09
C GLU C 85 -12.04 7.66 10.76
N ALA C 86 -11.23 8.17 9.83
CA ALA C 86 -10.14 7.41 9.20
C ALA C 86 -9.48 8.32 8.20
N ASP C 87 -8.37 7.86 7.62
CA ASP C 87 -7.77 8.58 6.49
C ASP C 87 -8.31 8.00 5.20
N TYR C 88 -8.59 8.88 4.23
CA TYR C 88 -9.12 8.45 2.94
C TYR C 88 -8.16 8.87 1.83
N TYR C 89 -7.95 7.97 0.85
CA TYR C 89 -7.03 8.24 -0.27
C TYR C 89 -7.73 8.00 -1.58
N CYS C 90 -7.59 8.94 -2.52
CA CYS C 90 -8.02 8.62 -3.87
C CYS C 90 -6.82 8.08 -4.65
N CYS C 91 -7.12 7.43 -5.76
CA CYS C 91 -6.12 6.79 -6.60
C CYS C 91 -6.62 6.84 -8.03
N SER C 92 -5.72 7.14 -8.97
CA SER C 92 -6.11 7.05 -10.38
C SER C 92 -5.06 6.29 -11.14
N TYR C 93 -5.52 5.47 -12.11
CA TYR C 93 -4.62 5.07 -13.18
C TYR C 93 -3.99 6.31 -13.81
N ALA C 94 -2.70 6.21 -14.16
CA ALA C 94 -1.97 7.37 -14.67
C ALA C 94 -1.38 7.16 -16.05
N GLY C 95 -1.76 6.10 -16.75
CA GLY C 95 -1.17 5.78 -18.03
C GLY C 95 0.07 4.92 -17.91
N SER C 96 0.37 4.18 -18.99
CA SER C 96 1.60 3.40 -19.08
C SER C 96 1.80 2.48 -17.87
N SER C 97 0.68 1.90 -17.40
CA SER C 97 0.72 0.91 -16.32
C SER C 97 1.34 1.49 -15.05
N THR C 98 1.01 2.75 -14.74
CA THR C 98 1.41 3.37 -13.49
C THR C 98 0.16 3.92 -12.81
N TRP C 99 0.28 4.14 -11.50
CA TRP C 99 -0.82 4.66 -10.70
C TRP C 99 -0.34 5.85 -9.88
N VAL C 100 -1.28 6.73 -9.50
CA VAL C 100 -0.99 7.88 -8.66
C VAL C 100 -2.03 7.95 -7.54
N PHE C 101 -1.59 8.28 -6.34
CA PHE C 101 -2.46 8.42 -5.19
C PHE C 101 -2.53 9.89 -4.76
N GLY C 102 -3.64 10.25 -4.13
CA GLY C 102 -3.68 11.52 -3.44
C GLY C 102 -2.87 11.53 -2.16
N GLY C 103 -2.69 12.73 -1.60
CA GLY C 103 -1.94 12.83 -0.38
C GLY C 103 -2.70 12.40 0.86
N GLY C 104 -4.01 12.14 0.73
CA GLY C 104 -4.81 11.64 1.84
C GLY C 104 -5.55 12.77 2.55
N THR C 105 -6.74 12.43 3.05
CA THR C 105 -7.58 13.34 3.83
C THR C 105 -7.87 12.68 5.18
N LYS C 106 -7.61 13.40 6.28
CA LYS C 106 -8.07 12.94 7.59
C LYS C 106 -9.52 13.31 7.74
N LEU C 107 -10.41 12.32 7.90
CA LEU C 107 -11.82 12.56 8.15
C LEU C 107 -12.08 12.43 9.64
N THR C 108 -12.58 13.51 10.22
CA THR C 108 -12.96 13.53 11.64
C THR C 108 -14.48 13.55 11.75
N VAL C 109 -15.03 12.65 12.58
CA VAL C 109 -16.44 12.69 12.91
C VAL C 109 -16.51 13.39 14.26
N LEU C 110 -17.03 14.61 14.25
CA LEU C 110 -16.86 15.56 15.35
C LEU C 110 -17.59 15.08 16.61
N GLY C 111 -16.85 14.95 17.71
CA GLY C 111 -17.40 14.46 18.96
C GLY C 111 -17.38 15.54 20.03
N GLN C 112 -16.88 16.71 19.66
CA GLN C 112 -16.81 17.87 20.56
C GLN C 112 -16.65 19.11 19.67
N PRO C 113 -16.82 20.30 20.22
CA PRO C 113 -16.59 21.50 19.44
C PRO C 113 -15.18 21.58 18.91
N LYS C 114 -15.04 22.19 17.74
CA LYS C 114 -13.70 22.41 17.24
C LYS C 114 -12.91 23.28 18.22
N ALA C 115 -11.59 23.06 18.29
CA ALA C 115 -10.74 23.77 19.25
C ALA C 115 -9.46 24.25 18.59
N ALA C 116 -9.17 25.58 18.77
CA ALA C 116 -7.99 26.19 18.19
C ALA C 116 -6.75 25.81 19.00
N PRO C 117 -5.60 25.67 18.35
CA PRO C 117 -4.38 25.29 19.07
C PRO C 117 -3.89 26.38 20.01
N SER C 118 -3.25 25.95 21.09
CA SER C 118 -2.42 26.81 21.93
C SER C 118 -1.00 26.63 21.41
N VAL C 119 -0.28 27.73 21.20
CA VAL C 119 1.08 27.61 20.68
C VAL C 119 2.06 28.25 21.67
N THR C 120 3.16 27.55 21.96
CA THR C 120 4.25 28.09 22.76
C THR C 120 5.53 27.97 21.95
N LEU C 121 6.29 29.07 21.84
CA LEU C 121 7.50 29.09 21.04
C LEU C 121 8.66 29.46 21.95
N PHE C 122 9.65 28.56 22.07
CA PHE C 122 10.85 28.80 22.87
C PHE C 122 12.04 29.11 21.98
N PRO C 123 12.83 30.15 22.33
CA PRO C 123 14.08 30.41 21.62
C PRO C 123 15.16 29.46 22.09
N PRO C 124 16.33 29.45 21.42
CA PRO C 124 17.45 28.62 21.88
C PRO C 124 17.86 29.00 23.29
N SER C 125 18.18 27.99 24.10
CA SER C 125 18.74 28.27 25.42
C SER C 125 20.17 28.77 25.30
N SER C 126 20.61 29.52 26.32
CA SER C 126 22.01 29.92 26.36
C SER C 126 22.93 28.71 26.45
N GLU C 127 22.48 27.62 27.10
CA GLU C 127 23.29 26.39 27.14
C GLU C 127 23.47 25.77 25.75
N GLU C 128 22.40 25.75 24.96
CA GLU C 128 22.53 25.16 23.63
C GLU C 128 23.41 26.01 22.75
N LEU C 129 23.28 27.34 22.85
CA LEU C 129 24.15 28.21 22.03
C LEU C 129 25.61 28.03 22.41
N GLN C 130 25.88 27.79 23.70
CA GLN C 130 27.25 27.50 24.11
C GLN C 130 27.78 26.23 23.45
N ALA C 131 26.90 25.26 23.24
CA ALA C 131 27.23 24.03 22.52
C ALA C 131 27.35 24.23 21.01
N ASN C 132 27.26 25.48 20.54
CA ASN C 132 27.40 25.80 19.13
C ASN C 132 26.20 25.30 18.33
N LYS C 133 25.01 25.25 18.96
CA LYS C 133 23.80 24.85 18.27
C LYS C 133 22.67 25.78 18.65
N ALA C 134 21.55 25.65 17.94
CA ALA C 134 20.43 26.54 18.26
C ALA C 134 19.18 25.85 17.73
N THR C 135 18.22 25.58 18.63
CA THR C 135 16.95 25.00 18.22
C THR C 135 15.81 25.90 18.68
N LEU C 136 14.93 26.30 17.74
CA LEU C 136 13.66 26.92 18.11
C LEU C 136 12.61 25.82 18.26
N VAL C 137 11.79 25.90 19.32
CA VAL C 137 10.86 24.84 19.69
C VAL C 137 9.44 25.40 19.70
N CYS C 138 8.59 24.93 18.78
CA CYS C 138 7.22 25.40 18.60
C CYS C 138 6.31 24.25 19.04
N LEU C 139 5.63 24.39 20.16
CA LEU C 139 4.82 23.32 20.71
C LEU C 139 3.35 23.68 20.59
N ILE C 140 2.57 22.76 20.00
CA ILE C 140 1.21 23.06 19.54
C ILE C 140 0.28 22.08 20.25
N SER C 141 -0.67 22.59 21.03
CA SER C 141 -1.50 21.67 21.83
C SER C 141 -2.97 22.02 21.77
N ASP C 142 -3.78 21.04 22.20
CA ASP C 142 -5.21 21.21 22.44
C ASP C 142 -5.99 21.62 21.19
N PHE C 143 -5.61 21.12 20.01
CA PHE C 143 -6.40 21.45 18.84
C PHE C 143 -7.27 20.26 18.37
N TYR C 144 -8.39 20.61 17.76
CA TYR C 144 -9.33 19.61 17.27
C TYR C 144 -10.13 20.22 16.14
N PRO C 145 -10.26 19.53 14.97
CA PRO C 145 -9.67 18.23 14.58
C PRO C 145 -8.16 18.22 14.53
N GLY C 146 -7.59 17.02 14.53
CA GLY C 146 -6.15 16.86 14.60
C GLY C 146 -5.41 17.01 13.28
N ALA C 147 -5.41 18.21 12.71
CA ALA C 147 -4.65 18.51 11.52
C ALA C 147 -4.19 19.96 11.62
N VAL C 148 -2.87 20.19 11.43
CA VAL C 148 -2.32 21.54 11.42
C VAL C 148 -1.23 21.59 10.37
N THR C 149 -0.91 22.79 9.91
CA THR C 149 0.33 22.96 9.16
C THR C 149 1.17 24.02 9.85
N VAL C 150 2.47 23.89 9.73
CA VAL C 150 3.38 24.82 10.41
C VAL C 150 4.34 25.40 9.37
N ALA C 151 4.52 26.70 9.44
CA ALA C 151 5.48 27.40 8.58
C ALA C 151 6.39 28.25 9.46
N TRP C 152 7.65 28.36 9.07
CA TRP C 152 8.57 29.17 9.84
C TRP C 152 9.02 30.34 8.99
N LYS C 153 9.33 31.43 9.67
CA LYS C 153 9.79 32.66 9.03
C LYS C 153 11.07 33.14 9.69
N ALA C 154 12.00 33.63 8.89
CA ALA C 154 13.14 34.43 9.36
C ALA C 154 12.88 35.85 8.90
N ASP C 155 12.72 36.76 9.84
CA ASP C 155 12.17 38.09 9.59
C ASP C 155 10.83 37.83 8.91
N SER C 156 10.61 38.25 7.69
CA SER C 156 9.35 37.94 7.02
C SER C 156 9.51 36.89 5.93
N SER C 157 10.70 36.29 5.80
CA SER C 157 10.96 35.35 4.72
C SER C 157 10.72 33.91 5.17
N PRO C 158 10.17 33.07 4.29
CA PRO C 158 9.94 31.67 4.63
C PRO C 158 11.23 30.87 4.78
N VAL C 159 11.22 29.95 5.74
CA VAL C 159 12.34 29.07 6.03
C VAL C 159 11.87 27.65 5.83
N LYS C 160 12.59 26.87 5.02
CA LYS C 160 12.28 25.46 4.87
C LYS C 160 13.35 24.53 5.42
N ALA C 161 14.62 24.90 5.24
CA ALA C 161 15.72 24.06 5.69
C ALA C 161 15.72 24.02 7.21
N GLY C 162 16.01 22.85 7.76
CA GLY C 162 16.16 22.67 9.19
C GLY C 162 14.88 22.55 9.97
N VAL C 163 13.74 22.39 9.30
CA VAL C 163 12.45 22.23 9.97
C VAL C 163 12.16 20.75 10.13
N GLU C 164 11.77 20.34 11.34
CA GLU C 164 11.30 18.98 11.58
C GLU C 164 10.00 19.09 12.35
N THR C 165 8.91 18.49 11.83
CA THR C 165 7.57 18.66 12.43
C THR C 165 6.94 17.30 12.63
N THR C 166 6.33 17.06 13.80
CA THR C 166 5.70 15.77 14.03
C THR C 166 4.34 15.71 13.34
N THR C 167 3.83 14.46 13.18
CA THR C 167 2.42 14.29 12.83
C THR C 167 1.58 14.51 14.09
N PRO C 168 0.40 15.09 13.99
CA PRO C 168 -0.40 15.29 15.20
C PRO C 168 -0.69 13.97 15.87
N SER C 169 -0.72 13.98 17.19
CA SER C 169 -1.11 12.77 17.88
C SER C 169 -2.10 13.10 18.99
N LYS C 170 -2.97 12.14 19.30
CA LYS C 170 -4.07 12.45 20.21
C LYS C 170 -3.54 12.54 21.65
N GLN C 171 -3.91 13.61 22.34
CA GLN C 171 -3.62 13.80 23.75
C GLN C 171 -4.59 12.98 24.58
N SER C 172 -4.34 12.96 25.88
CA SER C 172 -5.23 12.25 26.78
C SER C 172 -6.62 12.90 26.92
N ASN C 173 -6.81 14.15 26.49
CA ASN C 173 -8.13 14.78 26.48
C ASN C 173 -8.83 14.71 25.13
N ASN C 174 -8.34 13.90 24.20
CA ASN C 174 -8.87 13.64 22.85
C ASN C 174 -8.72 14.82 21.90
N LYS C 175 -8.11 15.92 22.34
CA LYS C 175 -7.59 16.88 21.37
C LYS C 175 -6.22 16.40 20.94
N TYR C 176 -5.53 17.19 20.12
CA TYR C 176 -4.28 16.78 19.52
C TYR C 176 -3.12 17.71 19.87
N ALA C 177 -1.92 17.16 19.76
CA ALA C 177 -0.65 17.88 19.95
C ALA C 177 0.28 17.65 18.79
N ALA C 178 1.15 18.63 18.54
CA ALA C 178 2.22 18.44 17.58
C ALA C 178 3.36 19.35 17.99
N SER C 179 4.54 19.10 17.45
CA SER C 179 5.65 19.98 17.72
C SER C 179 6.43 20.20 16.44
N SER C 180 7.05 21.36 16.36
CA SER C 180 7.91 21.66 15.22
C SER C 180 9.19 22.29 15.72
N TYR C 181 10.32 21.89 15.15
CA TYR C 181 11.64 22.31 15.57
C TYR C 181 12.33 22.96 14.39
N LEU C 182 12.94 24.11 14.61
CA LEU C 182 13.76 24.77 13.58
C LEU C 182 15.20 24.74 14.08
N SER C 183 16.06 24.00 13.38
CA SER C 183 17.49 23.92 13.74
C SER C 183 18.27 25.00 12.99
N LEU C 184 18.97 25.83 13.73
CA LEU C 184 19.78 26.93 13.22
C LEU C 184 21.21 26.80 13.72
N THR C 185 22.15 27.41 12.95
CA THR C 185 23.43 27.72 13.53
C THR C 185 23.29 28.93 14.45
N PRO C 186 24.19 29.06 15.41
CA PRO C 186 24.18 30.29 16.23
C PRO C 186 24.27 31.57 15.40
N GLU C 187 25.06 31.54 14.31
CA GLU C 187 25.20 32.72 13.47
C GLU C 187 23.87 33.05 12.77
N GLN C 188 23.18 32.02 12.26
CA GLN C 188 21.85 32.24 11.68
C GLN C 188 20.90 32.86 12.71
N TRP C 189 20.87 32.30 13.92
CA TRP C 189 19.98 32.85 14.93
C TRP C 189 20.30 34.32 15.20
N LYS C 190 21.58 34.67 15.32
CA LYS C 190 21.92 36.03 15.69
C LYS C 190 21.88 37.00 14.53
N SER C 191 21.78 36.52 13.29
CA SER C 191 21.92 37.35 12.10
C SER C 191 20.59 37.89 11.56
N HIS C 192 19.49 37.59 12.25
CA HIS C 192 18.17 38.06 11.87
C HIS C 192 17.52 38.75 13.06
N ARG C 193 16.56 39.62 12.75
CA ARG C 193 15.84 40.37 13.78
C ARG C 193 14.84 39.51 14.53
N SER C 194 14.29 38.49 13.88
CA SER C 194 13.25 37.70 14.53
C SER C 194 13.06 36.43 13.72
N TYR C 195 12.54 35.41 14.40
CA TYR C 195 12.00 34.23 13.75
C TYR C 195 10.57 34.01 14.24
N SER C 196 9.76 33.43 13.38
CA SER C 196 8.36 33.14 13.75
C SER C 196 7.95 31.71 13.41
N CYS C 197 7.04 31.17 14.22
CA CYS C 197 6.36 29.90 14.00
C CYS C 197 4.91 30.27 13.67
N GLN C 198 4.42 29.86 12.50
CA GLN C 198 3.05 30.15 12.07
C GLN C 198 2.28 28.84 12.00
N VAL C 199 1.19 28.74 12.75
CA VAL C 199 0.46 27.49 12.93
C VAL C 199 -0.92 27.71 12.34
N THR C 200 -1.29 26.88 11.34
CA THR C 200 -2.57 27.02 10.65
C THR C 200 -3.46 25.83 11.00
N HIS C 201 -4.66 26.14 11.45
CA HIS C 201 -5.65 25.15 11.86
C HIS C 201 -7.01 25.62 11.35
N GLU C 202 -7.66 24.78 10.53
CA GLU C 202 -9.01 25.08 10.02
C GLU C 202 -9.05 26.48 9.40
N GLY C 203 -8.01 26.82 8.62
CA GLY C 203 -7.95 28.11 7.92
C GLY C 203 -7.53 29.29 8.78
N SER C 204 -7.27 29.08 10.06
CA SER C 204 -6.91 30.17 10.97
C SER C 204 -5.42 30.03 11.27
N THR C 205 -4.66 31.11 11.05
CA THR C 205 -3.20 31.05 11.24
C THR C 205 -2.84 31.95 12.41
N VAL C 206 -2.11 31.41 13.39
CA VAL C 206 -1.59 32.24 14.48
C VAL C 206 -0.07 32.23 14.39
N GLU C 207 0.55 33.39 14.62
CA GLU C 207 2.01 33.55 14.53
C GLU C 207 2.57 33.86 15.92
N LYS C 208 3.60 33.12 16.33
CA LYS C 208 4.39 33.44 17.51
C LYS C 208 5.82 33.75 17.07
N THR C 209 6.48 34.67 17.78
CA THR C 209 7.73 35.25 17.28
C THR C 209 8.72 35.33 18.45
N VAL C 210 10.00 35.02 18.20
CA VAL C 210 11.05 35.27 19.17
C VAL C 210 12.18 36.02 18.49
N ALA C 211 12.98 36.73 19.30
CA ALA C 211 14.09 37.54 18.78
C ALA C 211 15.35 37.29 19.60
N PRO C 212 16.52 37.24 18.96
CA PRO C 212 17.77 37.11 19.73
C PRO C 212 17.97 38.23 20.74
N THR C 213 17.50 39.44 20.43
CA THR C 213 17.68 40.62 21.29
C THR C 213 16.70 40.70 22.48
C1 NAG D . -0.47 -47.94 -22.95
C2 NAG D . -1.29 -48.98 -23.71
C3 NAG D . -1.78 -50.07 -22.77
C4 NAG D . -0.59 -50.84 -22.25
C5 NAG D . 0.29 -49.93 -21.41
C6 NAG D . 1.77 -50.15 -21.64
C7 NAG D . -2.69 -48.46 -25.68
C8 NAG D . -1.77 -49.36 -26.45
N2 NAG D . -2.42 -48.34 -24.37
O3 NAG D . -2.64 -50.95 -23.48
O4 NAG D . -1.04 -51.93 -21.45
O5 NAG D . 0.03 -48.52 -21.63
O6 NAG D . 2.31 -51.04 -20.69
O7 NAG D . -3.64 -47.89 -26.20
#